data_2XNN
#
_entry.id   2XNN
#
_cell.length_a   101.210
_cell.length_b   56.850
_cell.length_c   80.400
_cell.angle_alpha   90.00
_cell.angle_beta   133.21
_cell.angle_gamma   90.00
#
_symmetry.space_group_name_H-M   'C 1 2 1'
#
loop_
_entity.id
_entity.type
_entity.pdbx_description
1 polymer 'SERINE/THREONINE-PROTEIN KINASE NEK2'
2 non-polymer 5-(1H-benzimidazol-1-yl)-3-{(1R)-1-[2-(trifluoromethyl)phenyl]ethoxy}thiophene-2-carboxamide
3 non-polymer 'CHLORIDE ION'
4 non-polymer 1,2-ETHANEDIOL
5 water water
#
_entity_poly.entity_id   1
_entity_poly.type   'polypeptide(L)'
_entity_poly.pdbx_seq_one_letter_code
;MPSRAEDYEVLYTIGTGSYGRCQKIRRKSDGKILVWKELDYGSMTEAEKQMLVSEVNLLRELKHPNIVRYYDRIIDRTNT
TLYIVMEYCEGGDLASVITKGTKERQYLDEEFVLRVMTQLTLALKECHRRSDGGHTVLHRDLKPANVFLDGKQNVKLGDF
GLARILNHDTSFAKTFVGTPYYMSPEQMNRMSYNEKSDIWSLGCLLYELCALMPPFTAFSQKELAGKIREGKFRRIPYRY
SDELNEIITRMLNLKDYHRPSVEEILENPLILEHHHHHH
;
_entity_poly.pdbx_strand_id   A
#
loop_
_chem_comp.id
_chem_comp.type
_chem_comp.name
_chem_comp.formula
430 non-polymer 5-(1H-benzimidazol-1-yl)-3-{(1R)-1-[2-(trifluoromethyl)phenyl]ethoxy}thiophene-2-carboxamide 'C21 H16 F3 N3 O2 S'
CL non-polymer 'CHLORIDE ION' 'Cl -1'
EDO non-polymer 1,2-ETHANEDIOL 'C2 H6 O2'
#
# COMPACT_ATOMS: atom_id res chain seq x y z
N SER A 3 -8.53 -6.69 25.64
CA SER A 3 -7.40 -7.43 25.08
C SER A 3 -7.56 -8.95 25.23
N ARG A 4 -8.79 -9.45 25.09
CA ARG A 4 -9.03 -10.88 25.11
C ARG A 4 -9.97 -11.27 23.97
N ALA A 5 -9.70 -12.43 23.37
CA ALA A 5 -10.47 -12.88 22.21
C ALA A 5 -11.99 -12.81 22.44
N GLU A 6 -12.44 -13.19 23.63
CA GLU A 6 -13.86 -13.24 23.89
C GLU A 6 -14.48 -11.85 23.82
N ASP A 7 -13.64 -10.83 23.84
CA ASP A 7 -14.11 -9.44 23.76
C ASP A 7 -14.61 -9.09 22.36
N TYR A 8 -14.26 -9.92 21.39
CA TYR A 8 -14.65 -9.70 20.00
C TYR A 8 -15.45 -10.87 19.44
N GLU A 9 -16.23 -10.58 18.41
CA GLU A 9 -17.00 -11.60 17.71
C GLU A 9 -16.69 -11.56 16.21
N VAL A 10 -16.37 -12.71 15.63
CA VAL A 10 -16.07 -12.77 14.22
C VAL A 10 -17.35 -12.65 13.39
N LEU A 11 -17.37 -11.71 12.44
CA LEU A 11 -18.48 -11.61 11.51
C LEU A 11 -18.26 -12.54 10.30
N TYR A 12 -17.07 -12.52 9.73
CA TYR A 12 -16.76 -13.44 8.64
C TYR A 12 -15.33 -13.29 8.14
N THR A 13 -14.86 -14.31 7.45
CA THR A 13 -13.51 -14.32 6.94
C THR A 13 -13.41 -13.52 5.65
N ILE A 14 -12.39 -12.69 5.56
CA ILE A 14 -12.15 -11.86 4.39
C ILE A 14 -11.17 -12.57 3.46
N GLY A 15 -10.06 -13.06 4.01
CA GLY A 15 -9.05 -13.73 3.22
C GLY A 15 -8.23 -14.74 4.01
N THR A 16 -7.66 -15.72 3.32
CA THR A 16 -6.91 -16.79 3.97
C THR A 16 -5.53 -16.93 3.36
N TYR A 19 -0.30 -14.33 5.76
CA TYR A 19 0.17 -15.56 6.38
C TYR A 19 -0.75 -15.96 7.53
N GLY A 20 -1.91 -16.52 7.20
CA GLY A 20 -2.85 -16.96 8.22
C GLY A 20 -4.30 -16.87 7.79
N ARG A 21 -4.98 -15.85 8.30
CA ARG A 21 -6.40 -15.67 8.04
C ARG A 21 -6.83 -14.28 8.53
N CYS A 22 -7.49 -13.53 7.66
CA CYS A 22 -7.92 -12.18 7.99
C CYS A 22 -9.43 -12.18 8.16
N GLN A 23 -9.90 -11.65 9.28
CA GLN A 23 -11.32 -11.72 9.60
C GLN A 23 -11.89 -10.38 10.04
N LYS A 24 -13.11 -10.11 9.59
CA LYS A 24 -13.86 -8.94 10.02
C LYS A 24 -14.47 -9.27 11.34
N ILE A 25 -14.24 -8.42 12.34
CA ILE A 25 -14.67 -8.70 13.71
C ILE A 25 -15.41 -7.51 14.31
N ARG A 26 -16.13 -7.76 15.38
CA ARG A 26 -16.83 -6.70 16.06
C ARG A 26 -16.51 -6.70 17.55
N ARG A 27 -16.03 -5.57 18.05
CA ARG A 27 -15.75 -5.43 19.46
C ARG A 27 -17.07 -5.34 20.22
N LYS A 28 -17.24 -6.25 21.17
CA LYS A 28 -18.50 -6.39 21.92
C LYS A 28 -18.90 -5.14 22.72
N SER A 29 -17.92 -4.51 23.37
CA SER A 29 -18.21 -3.35 24.24
C SER A 29 -18.95 -2.21 23.53
N ASP A 30 -18.47 -1.79 22.38
CA ASP A 30 -19.06 -0.65 21.68
C ASP A 30 -19.59 -0.98 20.29
N GLY A 31 -19.39 -2.22 19.86
CA GLY A 31 -19.84 -2.65 18.54
C GLY A 31 -19.02 -2.11 17.39
N LYS A 32 -17.78 -1.73 17.66
CA LYS A 32 -16.88 -1.21 16.62
C LYS A 32 -16.39 -2.29 15.67
N ILE A 33 -16.42 -1.98 14.38
CA ILE A 33 -15.98 -2.88 13.33
C ILE A 33 -14.47 -2.79 13.10
N LEU A 34 -13.81 -3.95 13.18
CA LEU A 34 -12.37 -4.03 13.06
C LEU A 34 -12.04 -5.25 12.22
N VAL A 35 -10.75 -5.53 12.07
CA VAL A 35 -10.35 -6.81 11.52
C VAL A 35 -9.22 -7.32 12.40
N TRP A 36 -9.01 -8.63 12.39
CA TRP A 36 -7.78 -9.16 12.96
C TRP A 36 -7.14 -10.16 12.01
N LYS A 37 -5.81 -10.24 12.09
CA LYS A 37 -5.05 -11.25 11.39
C LYS A 37 -4.77 -12.39 12.35
N GLU A 38 -5.01 -13.62 11.90
CA GLU A 38 -4.95 -14.80 12.76
C GLU A 38 -3.70 -15.60 12.45
N LEU A 39 -2.74 -15.61 13.37
CA LEU A 39 -1.49 -16.35 13.15
C LEU A 39 -1.31 -17.52 14.10
N ASP A 40 -0.86 -18.65 13.55
CA ASP A 40 -0.55 -19.85 14.34
C ASP A 40 0.97 -19.96 14.55
N TYR A 41 1.43 -19.48 15.69
CA TYR A 41 2.86 -19.49 16.00
C TYR A 41 3.29 -20.82 16.64
N GLY A 42 2.39 -21.79 16.68
CA GLY A 42 2.65 -23.07 17.31
C GLY A 42 3.95 -23.73 16.87
N SER A 43 4.28 -23.55 15.59
CA SER A 43 5.45 -24.21 15.02
C SER A 43 6.68 -23.30 14.95
N MET A 44 6.63 -22.17 15.67
CA MET A 44 7.72 -21.22 15.63
C MET A 44 8.78 -21.44 16.69
N THR A 45 10.02 -21.13 16.36
CA THR A 45 11.13 -21.17 17.29
C THR A 45 11.01 -19.97 18.22
N GLU A 46 11.67 -20.02 19.37
CA GLU A 46 11.67 -18.87 20.26
C GLU A 46 12.20 -17.64 19.52
N ALA A 47 13.13 -17.88 18.61
CA ALA A 47 13.75 -16.82 17.82
C ALA A 47 12.74 -16.22 16.85
N GLU A 48 12.06 -17.09 16.12
CA GLU A 48 11.03 -16.64 15.20
C GLU A 48 9.92 -15.87 15.92
N LYS A 49 9.65 -16.23 17.18
CA LYS A 49 8.61 -15.57 17.97
C LYS A 49 9.13 -14.29 18.56
N GLN A 50 10.44 -14.20 18.72
CA GLN A 50 11.08 -12.97 19.21
C GLN A 50 11.02 -11.87 18.15
N MET A 51 11.34 -12.22 16.91
CA MET A 51 11.27 -11.29 15.79
C MET A 51 9.83 -10.86 15.52
N LEU A 52 8.91 -11.80 15.68
CA LEU A 52 7.48 -11.50 15.56
C LEU A 52 6.98 -10.53 16.64
N VAL A 53 7.56 -10.60 17.83
CA VAL A 53 7.14 -9.71 18.93
C VAL A 53 7.60 -8.28 18.67
N SER A 54 8.78 -8.16 18.06
CA SER A 54 9.37 -6.86 17.80
C SER A 54 8.81 -6.23 16.52
N GLU A 55 8.36 -7.08 15.59
CA GLU A 55 7.70 -6.58 14.40
C GLU A 55 6.34 -5.98 14.79
N VAL A 56 5.66 -6.64 15.71
CA VAL A 56 4.34 -6.23 16.15
C VAL A 56 4.39 -4.95 17.00
N ASN A 57 5.47 -4.80 17.74
CA ASN A 57 5.67 -3.57 18.53
C ASN A 57 6.01 -2.36 17.66
N LEU A 58 6.53 -2.61 16.46
CA LEU A 58 6.77 -1.57 15.47
C LEU A 58 5.48 -1.15 14.76
N LEU A 59 4.53 -2.06 14.65
CA LEU A 59 3.20 -1.72 14.16
C LEU A 59 2.50 -0.77 15.14
N ARG A 60 2.82 -0.89 16.41
CA ARG A 60 2.14 -0.07 17.41
C ARG A 60 2.68 1.36 17.42
N GLU A 61 3.86 1.55 16.84
CA GLU A 61 4.56 2.83 16.91
C GLU A 61 4.14 3.86 15.86
N LEU A 62 3.08 3.58 15.13
CA LEU A 62 2.70 4.43 14.00
C LEU A 62 1.22 4.74 13.98
N LYS A 63 0.89 6.00 14.25
CA LYS A 63 -0.49 6.47 14.23
C LYS A 63 -0.63 7.64 13.25
N HIS A 64 -1.18 7.36 12.08
CA HIS A 64 -1.28 8.35 11.02
C HIS A 64 -2.55 8.09 10.20
N PRO A 65 -3.25 9.14 9.78
CA PRO A 65 -4.56 8.92 9.15
C PRO A 65 -4.44 8.15 7.84
N ASN A 66 -3.25 8.15 7.26
CA ASN A 66 -3.05 7.45 6.00
C ASN A 66 -2.25 6.16 6.13
N ILE A 67 -2.09 5.70 7.37
CA ILE A 67 -1.48 4.41 7.63
C ILE A 67 -2.42 3.48 8.41
N VAL A 68 -2.66 2.28 7.91
CA VAL A 68 -3.60 1.36 8.56
C VAL A 68 -3.26 1.26 10.04
N ARG A 69 -4.22 1.56 10.91
CA ARG A 69 -4.00 1.60 12.36
C ARG A 69 -4.00 0.24 13.08
N TYR A 70 -3.00 0.03 13.94
CA TYR A 70 -2.99 -1.11 14.87
C TYR A 70 -3.74 -0.78 16.16
N TYR A 71 -4.52 -1.72 16.67
CA TYR A 71 -5.31 -1.48 17.87
C TYR A 71 -4.88 -2.33 19.03
N ASP A 72 -4.56 -3.59 18.76
CA ASP A 72 -4.48 -4.55 19.84
C ASP A 72 -3.80 -5.83 19.38
N ARG A 73 -3.34 -6.63 20.35
CA ARG A 73 -2.80 -7.95 20.08
C ARG A 73 -3.32 -8.94 21.13
N ILE A 74 -3.89 -10.05 20.68
CA ILE A 74 -4.42 -11.07 21.58
C ILE A 74 -3.69 -12.38 21.41
N ILE A 75 -3.11 -12.88 22.49
CA ILE A 75 -2.52 -14.21 22.45
C ILE A 75 -3.46 -15.27 23.06
N ASP A 76 -3.72 -16.31 22.27
CA ASP A 76 -4.51 -17.46 22.68
C ASP A 76 -3.56 -18.67 22.74
N ARG A 77 -2.93 -18.88 23.89
CA ARG A 77 -1.90 -19.91 24.06
C ARG A 77 -2.44 -21.33 24.00
N THR A 78 -3.77 -21.47 24.04
CA THR A 78 -4.40 -22.78 23.96
C THR A 78 -4.41 -23.31 22.52
N ASN A 79 -4.71 -22.42 21.58
CA ASN A 79 -4.71 -22.77 20.16
C ASN A 79 -3.41 -22.33 19.49
N THR A 80 -2.46 -21.86 20.30
CA THR A 80 -1.22 -21.25 19.80
C THR A 80 -1.49 -20.26 18.67
N THR A 81 -2.54 -19.47 18.85
CA THR A 81 -2.92 -18.47 17.86
C THR A 81 -2.68 -17.05 18.38
N LEU A 82 -2.16 -16.20 17.50
CA LEU A 82 -1.96 -14.78 17.80
C LEU A 82 -2.84 -13.94 16.87
N TYR A 83 -3.59 -13.00 17.45
CA TYR A 83 -4.46 -12.13 16.68
C TYR A 83 -3.95 -10.70 16.67
N ILE A 84 -3.76 -10.14 15.49
CA ILE A 84 -3.43 -8.72 15.40
C ILE A 84 -4.69 -7.98 15.02
N VAL A 85 -5.12 -7.06 15.86
CA VAL A 85 -6.36 -6.32 15.64
C VAL A 85 -6.08 -4.97 14.98
N MET A 86 -6.75 -4.71 13.87
CA MET A 86 -6.50 -3.47 13.15
C MET A 86 -7.75 -2.82 12.56
N GLU A 87 -7.54 -1.65 11.98
CA GLU A 87 -8.57 -0.86 11.33
C GLU A 87 -9.23 -1.65 10.21
N TYR A 88 -10.55 -1.54 10.12
CA TYR A 88 -11.29 -2.08 8.98
C TYR A 88 -11.39 -1.01 7.88
N CYS A 89 -11.01 -1.38 6.67
CA CYS A 89 -11.11 -0.45 5.55
C CYS A 89 -12.14 -0.98 4.59
N GLU A 90 -13.33 -0.40 4.63
CA GLU A 90 -14.47 -1.00 3.96
C GLU A 90 -14.36 -1.05 2.43
N GLY A 91 -13.50 -0.22 1.85
CA GLY A 91 -13.37 -0.14 0.39
C GLY A 91 -12.38 -1.16 -0.17
N GLY A 92 -11.72 -1.90 0.72
CA GLY A 92 -10.79 -2.94 0.30
C GLY A 92 -9.46 -2.41 -0.20
N ASP A 93 -8.74 -3.23 -0.95
CA ASP A 93 -7.40 -2.89 -1.44
C ASP A 93 -7.42 -2.35 -2.88
N LEU A 94 -6.30 -1.78 -3.32
CA LEU A 94 -6.20 -1.18 -4.66
C LEU A 94 -6.04 -2.17 -5.80
N ALA A 95 -5.42 -3.32 -5.52
CA ALA A 95 -5.30 -4.40 -6.49
C ALA A 95 -6.66 -4.74 -7.07
N SER A 96 -7.65 -4.87 -6.19
CA SER A 96 -9.01 -5.19 -6.60
C SER A 96 -9.60 -4.10 -7.48
N VAL A 97 -9.38 -2.84 -7.08
CA VAL A 97 -9.92 -1.70 -7.81
C VAL A 97 -9.39 -1.70 -9.24
N ILE A 98 -8.09 -1.96 -9.38
CA ILE A 98 -7.43 -2.02 -10.67
C ILE A 98 -7.92 -3.20 -11.51
N THR A 99 -8.01 -4.36 -10.90
CA THR A 99 -8.56 -5.54 -11.55
C THR A 99 -9.98 -5.27 -12.02
N LYS A 100 -10.79 -4.65 -11.16
CA LYS A 100 -12.18 -4.30 -11.50
C LYS A 100 -12.29 -3.29 -12.63
N GLY A 101 -11.26 -2.47 -12.83
CA GLY A 101 -11.27 -1.50 -13.89
C GLY A 101 -10.81 -2.13 -15.19
N THR A 102 -9.85 -3.06 -15.09
CA THR A 102 -9.40 -3.83 -16.24
C THR A 102 -10.56 -4.57 -16.89
N LYS A 103 -11.41 -5.18 -16.06
CA LYS A 103 -12.46 -6.07 -16.55
C LYS A 103 -13.72 -5.31 -16.95
N GLU A 104 -14.19 -4.42 -16.10
CA GLU A 104 -15.31 -3.55 -16.45
C GLU A 104 -14.90 -2.58 -17.57
N ARG A 105 -13.65 -2.69 -18.00
CA ARG A 105 -13.06 -1.81 -19.02
C ARG A 105 -13.38 -0.33 -18.79
N GLN A 106 -13.20 0.15 -17.58
CA GLN A 106 -13.48 1.55 -17.22
C GLN A 106 -12.33 2.17 -16.41
N TYR A 107 -11.80 3.28 -16.89
CA TYR A 107 -10.68 3.96 -16.21
C TYR A 107 -11.14 4.70 -14.95
N LEU A 108 -10.24 4.83 -13.98
CA LEU A 108 -10.51 5.60 -12.76
C LEU A 108 -10.46 7.11 -12.98
N ASP A 109 -11.20 7.85 -12.16
CA ASP A 109 -11.24 9.30 -12.26
C ASP A 109 -9.92 9.91 -11.87
N GLU A 110 -9.53 10.98 -12.56
CA GLU A 110 -8.37 11.73 -12.17
C GLU A 110 -8.44 12.14 -10.68
N GLU A 111 -9.64 12.50 -10.22
CA GLU A 111 -9.82 12.95 -8.84
C GLU A 111 -9.44 11.85 -7.86
N PHE A 112 -9.75 10.61 -8.21
CA PHE A 112 -9.38 9.46 -7.39
C PHE A 112 -7.86 9.24 -7.37
N VAL A 113 -7.24 9.29 -8.55
CA VAL A 113 -5.79 9.17 -8.66
C VAL A 113 -5.08 10.28 -7.89
N LEU A 114 -5.64 11.50 -7.95
CA LEU A 114 -5.09 12.61 -7.17
C LEU A 114 -5.20 12.34 -5.67
N ARG A 115 -6.28 11.70 -5.22
CA ARG A 115 -6.43 11.34 -3.81
CA ARG A 115 -6.46 11.31 -3.82
C ARG A 115 -5.37 10.33 -3.38
N VAL A 116 -5.18 9.29 -4.18
CA VAL A 116 -4.18 8.28 -3.86
C VAL A 116 -2.80 8.90 -3.79
N MET A 117 -2.48 9.71 -4.80
CA MET A 117 -1.17 10.34 -4.85
C MET A 117 -0.88 11.20 -3.63
N THR A 118 -1.85 12.03 -3.24
CA THR A 118 -1.67 12.95 -2.12
C THR A 118 -1.51 12.17 -0.81
N GLN A 119 -2.38 11.21 -0.59
CA GLN A 119 -2.43 10.51 0.68
C GLN A 119 -1.34 9.46 0.84
N LEU A 120 -0.96 8.81 -0.27
CA LEU A 120 0.19 7.91 -0.21
C LEU A 120 1.48 8.69 -0.01
N THR A 121 1.59 9.85 -0.65
CA THR A 121 2.78 10.67 -0.49
C THR A 121 2.95 11.11 0.97
N LEU A 122 1.87 11.49 1.62
CA LEU A 122 1.88 11.75 3.08
C LEU A 122 2.14 10.50 3.94
N ALA A 123 1.62 9.34 3.57
CA ALA A 123 1.99 8.11 4.30
C ALA A 123 3.50 7.85 4.18
N LEU A 124 4.04 7.99 2.98
CA LEU A 124 5.48 7.84 2.78
C LEU A 124 6.28 8.76 3.66
N LYS A 125 5.96 10.04 3.60
CA LYS A 125 6.69 11.05 4.36
C LYS A 125 6.74 10.66 5.84
N GLU A 126 5.68 10.02 6.33
CA GLU A 126 5.61 9.66 7.73
C GLU A 126 6.53 8.48 8.05
N CYS A 127 6.65 7.55 7.11
CA CYS A 127 7.56 6.41 7.23
C CYS A 127 9.02 6.82 7.24
N HIS A 128 9.40 7.64 6.28
CA HIS A 128 10.76 8.17 6.21
C HIS A 128 11.14 8.87 7.50
N ARG A 129 10.22 9.66 8.02
CA ARG A 129 10.45 10.45 9.22
C ARG A 129 10.86 9.56 10.40
N ARG A 130 10.49 8.28 10.32
CA ARG A 130 10.83 7.33 11.38
C ARG A 130 11.98 6.41 10.96
N SER A 131 13.10 7.00 10.56
CA SER A 131 14.26 6.21 10.15
C SER A 131 15.57 6.98 10.29
N ARG A 140 7.70 -1.02 4.21
CA ARG A 140 6.31 -1.12 3.75
C ARG A 140 6.23 -1.00 2.23
N ASP A 141 5.90 -2.11 1.57
CA ASP A 141 5.85 -2.15 0.11
C ASP A 141 4.71 -1.31 -0.43
N LEU A 142 4.97 -0.61 -1.53
CA LEU A 142 4.01 0.30 -2.11
C LEU A 142 3.29 -0.32 -3.30
N LYS A 143 2.83 -1.55 -3.14
CA LYS A 143 2.06 -2.22 -4.18
C LYS A 143 0.56 -2.05 -3.97
N PRO A 144 -0.24 -2.27 -5.03
CA PRO A 144 -1.67 -2.02 -4.90
C PRO A 144 -2.36 -2.91 -3.84
N ALA A 145 -1.85 -4.11 -3.65
CA ALA A 145 -2.46 -5.06 -2.72
C ALA A 145 -2.29 -4.63 -1.28
N ASN A 146 -1.44 -3.65 -1.06
CA ASN A 146 -1.15 -3.20 0.29
C ASN A 146 -1.56 -1.74 0.47
N VAL A 147 -2.52 -1.29 -0.33
CA VAL A 147 -3.11 0.03 -0.17
C VAL A 147 -4.63 -0.08 -0.02
N PHE A 148 -5.16 0.56 1.00
CA PHE A 148 -6.55 0.32 1.36
C PHE A 148 -7.42 1.57 1.36
N LEU A 149 -8.71 1.37 1.11
CA LEU A 149 -9.67 2.45 1.10
C LEU A 149 -10.61 2.27 2.26
N ASP A 150 -10.87 3.34 3.02
CA ASP A 150 -11.89 3.28 4.04
C ASP A 150 -13.23 3.72 3.42
N GLY A 151 -14.21 4.06 4.25
CA GLY A 151 -15.53 4.35 3.72
C GLY A 151 -15.77 5.80 3.30
N LYS A 152 -14.76 6.64 3.49
CA LYS A 152 -14.92 8.07 3.30
C LYS A 152 -13.96 8.63 2.26
N GLN A 153 -13.51 7.81 1.33
CA GLN A 153 -12.56 8.28 0.30
C GLN A 153 -11.16 8.47 0.85
N ASN A 154 -10.82 7.79 1.95
CA ASN A 154 -9.47 7.93 2.50
C ASN A 154 -8.62 6.76 2.10
N VAL A 155 -7.34 7.01 1.93
CA VAL A 155 -6.39 6.02 1.44
C VAL A 155 -5.46 5.68 2.60
N LYS A 156 -5.22 4.39 2.82
CA LYS A 156 -4.36 3.96 3.93
C LYS A 156 -3.33 2.93 3.49
N LEU A 157 -2.07 3.21 3.80
CA LEU A 157 -1.01 2.25 3.51
C LEU A 157 -1.01 1.16 4.60
N GLY A 158 -1.03 -0.10 4.18
CA GLY A 158 -0.93 -1.21 5.12
C GLY A 158 0.51 -1.67 5.27
N ASP A 159 0.71 -2.85 5.82
CA ASP A 159 2.03 -3.48 5.78
C ASP A 159 1.85 -4.94 5.43
N PHE A 160 2.81 -5.52 4.73
CA PHE A 160 2.75 -6.94 4.43
C PHE A 160 3.31 -7.75 5.60
N GLY A 161 2.42 -8.46 6.30
CA GLY A 161 2.81 -9.28 7.44
C GLY A 161 2.05 -10.59 7.53
N PHE A 176 9.01 -15.07 -4.65
CA PHE A 176 9.90 -15.63 -5.66
C PHE A 176 9.21 -15.80 -7.01
N VAL A 177 8.02 -16.38 -7.00
CA VAL A 177 7.26 -16.58 -8.23
C VAL A 177 7.00 -15.24 -8.93
N GLY A 178 6.62 -14.24 -8.14
CA GLY A 178 6.20 -12.95 -8.67
C GLY A 178 7.29 -12.12 -9.32
N THR A 179 6.93 -11.43 -10.40
CA THR A 179 7.82 -10.49 -11.05
C THR A 179 7.66 -9.11 -10.40
N PRO A 180 8.77 -8.44 -10.10
CA PRO A 180 8.83 -7.16 -9.39
C PRO A 180 8.67 -5.96 -10.31
N TYR A 181 7.45 -5.74 -10.79
CA TYR A 181 7.14 -4.65 -11.71
C TYR A 181 7.58 -3.27 -11.20
N TYR A 182 7.51 -3.08 -9.88
CA TYR A 182 7.81 -1.80 -9.24
C TYR A 182 9.26 -1.67 -8.76
N MET A 183 10.13 -2.59 -9.18
CA MET A 183 11.52 -2.58 -8.78
C MET A 183 12.25 -1.40 -9.41
N SER A 184 12.78 -0.49 -8.60
CA SER A 184 13.46 0.68 -9.13
C SER A 184 14.81 0.34 -9.76
N PRO A 185 15.26 1.18 -10.71
CA PRO A 185 16.54 1.01 -11.40
C PRO A 185 17.69 0.78 -10.42
N GLU A 186 17.71 1.58 -9.35
CA GLU A 186 18.78 1.50 -8.35
C GLU A 186 18.66 0.28 -7.44
N GLN A 187 17.42 -0.12 -7.15
CA GLN A 187 17.19 -1.30 -6.32
C GLN A 187 17.37 -2.54 -7.17
N MET A 188 17.86 -2.34 -8.39
CA MET A 188 18.08 -3.44 -9.33
C MET A 188 19.58 -3.66 -9.49
N ASN A 189 20.33 -2.56 -9.40
CA ASN A 189 21.78 -2.58 -9.53
C ASN A 189 22.45 -2.19 -8.21
N ARG A 190 21.82 -2.58 -7.10
CA ARG A 190 22.25 -2.17 -5.77
C ARG A 190 22.91 -0.78 -5.76
N TYR A 193 19.18 1.42 -2.21
CA TYR A 193 17.83 1.94 -2.01
C TYR A 193 17.82 3.17 -1.11
N ASN A 194 17.15 4.23 -1.55
CA ASN A 194 16.96 5.45 -0.78
C ASN A 194 15.51 5.92 -0.81
N GLU A 195 15.25 7.09 -0.25
CA GLU A 195 13.89 7.62 -0.24
C GLU A 195 13.36 7.88 -1.66
N LYS A 196 14.26 8.16 -2.60
CA LYS A 196 13.85 8.38 -3.98
C LYS A 196 13.49 7.08 -4.70
N SER A 197 13.82 5.93 -4.13
CA SER A 197 13.40 4.65 -4.70
C SER A 197 11.94 4.42 -4.37
N ASP A 198 11.53 4.96 -3.23
CA ASP A 198 10.14 4.89 -2.83
C ASP A 198 9.30 5.70 -3.80
N ILE A 199 9.86 6.83 -4.27
CA ILE A 199 9.17 7.68 -5.22
C ILE A 199 8.91 6.96 -6.55
N TRP A 200 9.92 6.25 -7.05
CA TRP A 200 9.75 5.42 -8.25
C TRP A 200 8.58 4.46 -8.08
N SER A 201 8.57 3.71 -6.98
CA SER A 201 7.48 2.77 -6.71
C SER A 201 6.13 3.46 -6.67
N LEU A 202 6.06 4.63 -6.06
CA LEU A 202 4.80 5.36 -6.03
C LEU A 202 4.43 5.71 -7.47
N GLY A 203 5.43 6.08 -8.26
CA GLY A 203 5.23 6.35 -9.67
C GLY A 203 4.61 5.17 -10.39
N CYS A 204 5.13 3.97 -10.13
CA CYS A 204 4.64 2.75 -10.79
C CYS A 204 3.21 2.46 -10.40
N LEU A 205 2.88 2.71 -9.13
CA LEU A 205 1.53 2.48 -8.61
C LEU A 205 0.50 3.48 -9.16
N LEU A 206 0.85 4.76 -9.19
CA LEU A 206 -0.07 5.74 -9.78
C LEU A 206 -0.23 5.45 -11.27
N TYR A 207 0.85 5.02 -11.90
CA TYR A 207 0.81 4.71 -13.33
C TYR A 207 -0.18 3.56 -13.60
N GLU A 208 -0.06 2.48 -12.85
CA GLU A 208 -0.97 1.35 -13.03
C GLU A 208 -2.42 1.73 -12.74
N LEU A 209 -2.63 2.65 -11.80
CA LEU A 209 -3.97 3.15 -11.52
C LEU A 209 -4.55 3.84 -12.74
N CYS A 210 -3.74 4.67 -13.39
CA CYS A 210 -4.16 5.35 -14.62
C CYS A 210 -4.32 4.43 -15.83
N ALA A 211 -3.31 3.59 -16.12
CA ALA A 211 -3.29 2.85 -17.37
C ALA A 211 -3.89 1.46 -17.24
N LEU A 212 -4.14 1.06 -16.00
CA LEU A 212 -4.61 -0.29 -15.69
C LEU A 212 -3.57 -1.34 -16.06
N MET A 213 -2.33 -0.89 -16.23
CA MET A 213 -1.19 -1.78 -16.39
C MET A 213 0.04 -1.08 -15.86
N PRO A 214 1.09 -1.84 -15.49
CA PRO A 214 2.32 -1.24 -14.97
C PRO A 214 3.08 -0.57 -16.10
N PRO A 215 3.96 0.39 -15.78
CA PRO A 215 4.69 1.09 -16.84
C PRO A 215 5.53 0.12 -17.67
N PHE A 216 6.11 -0.88 -17.01
CA PHE A 216 6.97 -1.86 -17.68
C PHE A 216 6.46 -3.29 -17.43
N THR A 217 5.99 -3.94 -18.49
CA THR A 217 5.55 -5.32 -18.42
C THR A 217 6.59 -6.22 -19.11
N ALA A 218 6.63 -7.49 -18.70
CA ALA A 218 7.53 -8.45 -19.32
C ALA A 218 7.20 -9.85 -18.80
N PHE A 219 7.72 -10.88 -19.46
CA PHE A 219 7.45 -12.25 -19.06
C PHE A 219 8.47 -12.78 -18.06
N SER A 220 9.70 -12.31 -18.17
CA SER A 220 10.75 -12.71 -17.24
C SER A 220 11.27 -11.47 -16.52
N GLN A 221 12.10 -11.67 -15.51
CA GLN A 221 12.66 -10.55 -14.79
C GLN A 221 13.84 -9.95 -15.55
N LYS A 222 14.45 -10.74 -16.41
CA LYS A 222 15.56 -10.27 -17.21
C LYS A 222 15.03 -9.32 -18.29
N GLU A 223 13.92 -9.70 -18.92
CA GLU A 223 13.22 -8.83 -19.86
C GLU A 223 12.77 -7.53 -19.17
N LEU A 224 12.09 -7.68 -18.04
CA LEU A 224 11.68 -6.55 -17.22
C LEU A 224 12.83 -5.60 -16.98
N ALA A 225 13.92 -6.18 -16.47
CA ALA A 225 15.10 -5.38 -16.18
C ALA A 225 15.55 -4.62 -17.42
N GLY A 226 15.44 -5.25 -18.57
CA GLY A 226 15.79 -4.63 -19.84
C GLY A 226 14.98 -3.36 -20.07
N LYS A 227 13.66 -3.49 -20.07
CA LYS A 227 12.77 -2.36 -20.24
C LYS A 227 12.95 -1.23 -19.21
N ILE A 228 13.18 -1.57 -17.95
CA ILE A 228 13.37 -0.56 -16.92
C ILE A 228 14.60 0.31 -17.20
N ARG A 229 15.67 -0.30 -17.68
CA ARG A 229 16.89 0.45 -17.94
C ARG A 229 16.78 1.37 -19.16
N GLU A 230 15.87 1.06 -20.07
CA GLU A 230 15.61 1.96 -21.18
C GLU A 230 14.72 3.13 -20.75
N GLY A 231 13.92 2.90 -19.70
CA GLY A 231 13.16 3.97 -19.06
C GLY A 231 11.99 4.48 -19.90
N LYS A 232 11.53 3.67 -20.86
CA LYS A 232 10.46 4.10 -21.74
CA LYS A 232 10.47 4.09 -21.77
C LYS A 232 9.14 3.41 -21.43
N PHE A 233 8.05 4.16 -21.56
CA PHE A 233 6.73 3.64 -21.26
C PHE A 233 5.77 4.50 -22.04
N ARG A 234 4.51 4.06 -22.10
CA ARG A 234 3.46 4.76 -22.80
C ARG A 234 2.95 5.89 -21.93
N ARG A 235 2.45 6.95 -22.56
CA ARG A 235 1.78 8.02 -21.84
C ARG A 235 0.56 7.38 -21.21
N ILE A 236 0.19 7.81 -20.00
CA ILE A 236 -1.07 7.39 -19.40
C ILE A 236 -2.21 7.84 -20.32
N PRO A 237 -3.36 7.16 -20.25
CA PRO A 237 -4.43 7.52 -21.18
C PRO A 237 -4.71 9.03 -21.26
N TYR A 238 -5.20 9.45 -22.43
CA TYR A 238 -5.38 10.86 -22.76
C TYR A 238 -6.50 11.54 -21.99
N ARG A 239 -7.30 10.76 -21.30
CA ARG A 239 -8.32 11.32 -20.43
C ARG A 239 -7.69 11.98 -19.20
N TYR A 240 -6.44 11.64 -18.90
CA TYR A 240 -5.71 12.25 -17.78
C TYR A 240 -4.92 13.47 -18.25
N SER A 241 -4.97 14.53 -17.46
CA SER A 241 -4.39 15.81 -17.84
C SER A 241 -2.90 15.68 -18.07
N ASP A 242 -2.35 16.58 -18.88
CA ASP A 242 -0.89 16.70 -19.04
C ASP A 242 -0.19 16.87 -17.70
N GLU A 243 -0.76 17.68 -16.83
CA GLU A 243 -0.21 17.90 -15.50
C GLU A 243 -0.06 16.57 -14.72
N LEU A 244 -1.10 15.75 -14.72
CA LEU A 244 -1.02 14.48 -14.00
C LEU A 244 -0.01 13.55 -14.66
N ASN A 245 0.01 13.52 -15.99
CA ASN A 245 1.00 12.74 -16.72
C ASN A 245 2.43 13.17 -16.44
N GLU A 246 2.66 14.47 -16.43
CA GLU A 246 3.97 15.02 -16.10
C GLU A 246 4.50 14.55 -14.74
N ILE A 247 3.68 14.66 -13.69
CA ILE A 247 4.20 14.35 -12.37
C ILE A 247 4.50 12.85 -12.23
N ILE A 248 3.59 12.02 -12.73
CA ILE A 248 3.82 10.58 -12.73
C ILE A 248 5.07 10.23 -13.54
N THR A 249 5.25 10.89 -14.67
CA THR A 249 6.41 10.68 -15.50
C THR A 249 7.69 11.04 -14.76
N ARG A 250 7.68 12.16 -14.03
CA ARG A 250 8.87 12.55 -13.26
C ARG A 250 9.26 11.52 -12.19
N MET A 251 8.27 10.90 -11.57
CA MET A 251 8.55 9.89 -10.56
C MET A 251 9.27 8.70 -11.16
N LEU A 252 9.09 8.50 -12.47
CA LEU A 252 9.62 7.35 -13.19
C LEU A 252 10.91 7.68 -13.95
N ASN A 253 11.50 8.81 -13.60
CA ASN A 253 12.80 9.15 -14.14
C ASN A 253 13.84 8.12 -13.72
N LEU A 254 14.75 7.76 -14.63
CA LEU A 254 15.80 6.79 -14.33
C LEU A 254 16.76 7.30 -13.25
N LYS A 255 16.96 8.61 -13.20
CA LYS A 255 17.83 9.24 -12.22
C LYS A 255 17.05 9.62 -10.95
N ASP A 256 17.38 8.97 -9.85
CA ASP A 256 16.68 9.23 -8.59
C ASP A 256 16.66 10.70 -8.26
N TYR A 257 17.76 11.40 -8.53
CA TYR A 257 17.86 12.83 -8.24
C TYR A 257 16.98 13.74 -9.12
N HIS A 258 16.41 13.20 -10.19
CA HIS A 258 15.45 13.98 -11.00
C HIS A 258 14.00 13.73 -10.59
N ARG A 259 13.76 12.68 -9.80
CA ARG A 259 12.45 12.42 -9.23
C ARG A 259 12.14 13.43 -8.13
N PRO A 260 10.89 13.92 -8.10
CA PRO A 260 10.50 14.95 -7.13
C PRO A 260 10.48 14.35 -5.74
N SER A 261 10.77 15.15 -4.72
CA SER A 261 10.64 14.71 -3.34
C SER A 261 9.19 14.79 -2.91
N VAL A 262 8.89 14.12 -1.80
CA VAL A 262 7.60 14.24 -1.14
C VAL A 262 7.15 15.70 -1.09
N GLU A 263 8.06 16.58 -0.70
CA GLU A 263 7.74 17.99 -0.64
C GLU A 263 7.41 18.58 -2.01
N GLU A 264 8.17 18.21 -3.04
CA GLU A 264 7.92 18.78 -4.38
C GLU A 264 6.63 18.27 -5.00
N ILE A 265 6.21 17.07 -4.61
CA ILE A 265 4.98 16.46 -5.09
C ILE A 265 3.76 17.21 -4.55
N LEU A 266 3.80 17.51 -3.26
CA LEU A 266 2.70 18.18 -2.59
C LEU A 266 2.55 19.65 -3.01
N GLU A 267 3.66 20.24 -3.46
CA GLU A 267 3.64 21.60 -3.99
C GLU A 267 2.93 21.71 -5.34
N ASN A 268 2.62 20.57 -5.95
CA ASN A 268 2.03 20.54 -7.27
C ASN A 268 0.62 21.13 -7.27
N PRO A 269 0.37 22.08 -8.19
CA PRO A 269 -0.92 22.79 -8.27
C PRO A 269 -2.10 21.84 -8.33
N LEU A 270 -1.87 20.65 -8.84
CA LEU A 270 -2.93 19.64 -8.96
C LEU A 270 -3.53 19.29 -7.62
N ILE A 271 -2.73 19.35 -6.57
CA ILE A 271 -3.09 18.78 -5.26
C ILE A 271 -3.77 19.81 -4.37
N LEU A 272 -5.03 19.50 -4.05
CA LEU A 272 -5.88 20.45 -3.34
C LEU A 272 -6.35 19.88 -2.02
N GLU A 273 -6.83 20.75 -1.13
CA GLU A 273 -7.24 20.32 0.20
C GLU A 273 -8.10 19.07 0.21
N HIS A 274 -9.05 18.99 -0.70
CA HIS A 274 -10.05 17.93 -0.66
C HIS A 274 -9.46 16.57 -1.07
N HIS A 275 -8.24 16.56 -1.61
CA HIS A 275 -7.55 15.32 -1.92
C HIS A 275 -6.93 14.71 -0.66
N HIS A 276 -6.84 15.50 0.39
CA HIS A 276 -6.30 15.01 1.67
C HIS A 276 -7.30 14.16 2.46
N HIS A 277 -6.83 13.54 3.53
CA HIS A 277 -7.68 12.71 4.39
C HIS A 277 -8.79 13.56 5.02
N HIS A 278 -9.96 12.96 5.24
CA HIS A 278 -11.00 13.61 6.01
C HIS A 278 -11.70 12.61 6.89
N HIS A 279 -11.85 12.93 8.17
CA HIS A 279 -12.60 12.10 9.11
C HIS A 279 -14.09 12.11 8.83
C01 430 B . -3.62 -10.39 3.96
C02 430 B . -4.40 -9.09 4.09
O03 430 B . -3.79 -8.15 4.98
C04 430 B . -4.51 -7.01 5.36
C05 430 B . -6.19 -6.87 5.30
C06 430 B . -6.58 -5.50 5.78
N07 430 B . -7.87 -5.01 5.78
C08 430 B . -8.41 -4.07 6.64
N09 430 B . -9.72 -3.79 6.18
C10 430 B . -9.96 -4.51 5.02
C11 430 B . -11.10 -4.62 4.12
C12 430 B . -11.06 -5.48 2.92
C13 430 B . -9.92 -6.19 2.66
C14 430 B . -8.75 -6.09 3.58
C15 430 B . -8.79 -5.24 4.73
S16 430 B . -5.18 -4.68 6.18
C17 430 B . -3.95 -5.66 5.91
C18 430 B . -2.49 -5.32 6.11
N19 430 B . -1.84 -5.44 7.39
O20 430 B . -1.81 -5.04 5.15
C21 430 B . -4.88 -8.54 2.76
C22 430 B . -4.07 -7.63 2.03
C23 430 B . -4.55 -7.04 0.71
C24 430 B . -5.79 -7.39 0.19
C25 430 B . -6.69 -8.38 0.99
C26 430 B . -6.26 -8.92 2.20
C27 430 B . -7.15 -9.92 2.92
F28 430 B . -8.11 -10.32 2.09
F29 430 B . -7.71 -9.32 4.00
F30 430 B . -6.46 -10.98 3.31
CL CL C . -2.01 5.55 -24.42
CL CL D . -10.21 0.20 -20.44
CL CL E . -8.49 9.90 7.69
CL CL F . 11.30 12.45 -0.64
C1 EDO G . 2.03 -5.39 -10.52
O1 EDO G . 1.26 -4.55 -9.65
C2 EDO G . 1.38 -5.47 -11.90
O2 EDO G . 0.11 -6.14 -11.83
C1 EDO H . 6.61 18.28 -8.67
O1 EDO H . 5.21 18.63 -8.69
C2 EDO H . 6.98 17.40 -9.86
O2 EDO H . 7.01 18.17 -11.07
C1 EDO I . -12.17 21.69 -1.38
O1 EDO I . -12.61 21.69 -0.02
C2 EDO I . -10.77 22.29 -1.46
O2 EDO I . -9.95 21.62 -2.44
C1 EDO J . -15.17 11.81 3.28
O1 EDO J . -15.19 12.16 4.68
C2 EDO J . -15.55 13.00 2.39
O2 EDO J . -14.45 13.38 1.54
C1 EDO K . -13.61 -15.80 19.11
O1 EDO K . -13.81 -14.40 19.39
C2 EDO K . -14.38 -16.17 17.84
O2 EDO K . -15.55 -15.35 17.75
C1 EDO L . -7.60 8.09 -22.81
O1 EDO L . -8.98 8.08 -22.43
C2 EDO L . -7.35 7.10 -23.95
O2 EDO L . -5.94 6.87 -24.11
CL CL M . 14.07 8.08 -21.85
#